data_6AR4
#
_entry.id   6AR4
#
_cell.length_a   54.311
_cell.length_b   54.311
_cell.length_c   77.633
_cell.angle_alpha   90.000
_cell.angle_beta   90.000
_cell.angle_gamma   120.000
#
_symmetry.space_group_name_H-M   'P 32'
#
loop_
_entity.id
_entity.type
_entity.pdbx_description
1 polymer 'PRKCA-binding protein'
2 non-polymer N-[4-(4-bromophenyl)-1-{[2-(trifluoromethyl)phenyl]methyl}piperidine-4-carbonyl]-3-cyclopropyl-L-alanine
3 water water
#
_entity_poly.entity_id   1
_entity_poly.type   'polypeptide(L)'
_entity_poly.pdbx_seq_one_letter_code
;MGHHHHHHHHLVPRGSMFADLDYDIEEDKLGIPTVPGKVTLQKDAQNLIGISIGGGAQYCPCLYIVQVFDNTPAALDGTV
AAGDEITGVNGRSIKGKTKVEVAKMIQEVKGEVTIHYNKLQQSAV
;
_entity_poly.pdbx_strand_id   A,B
#
# COMPACT_ATOMS: atom_id res chain seq x y z
N VAL A 35 0.84 -2.95 15.60
CA VAL A 35 0.03 -4.04 16.21
C VAL A 35 0.10 -5.30 15.31
N PRO A 36 0.86 -6.31 15.79
CA PRO A 36 0.93 -7.56 14.96
C PRO A 36 -0.32 -8.41 14.99
N GLY A 37 -0.53 -9.28 13.99
CA GLY A 37 -1.75 -10.07 13.98
C GLY A 37 -1.46 -11.24 13.06
N LYS A 38 -2.31 -12.22 13.14
CA LYS A 38 -2.32 -13.32 12.14
C LYS A 38 -3.74 -13.78 11.84
N VAL A 39 -3.97 -14.26 10.65
CA VAL A 39 -5.27 -14.67 10.22
C VAL A 39 -5.12 -15.82 9.25
N THR A 40 -5.90 -16.86 9.49
CA THR A 40 -5.93 -17.98 8.56
C THR A 40 -7.10 -17.77 7.66
N LEU A 41 -6.86 -17.69 6.34
CA LEU A 41 -7.86 -17.57 5.27
C LEU A 41 -8.09 -18.88 4.44
N GLN A 42 -9.35 -19.23 4.20
CA GLN A 42 -9.61 -20.40 3.35
C GLN A 42 -9.50 -19.94 1.88
N LYS A 43 -8.64 -20.62 1.09
CA LYS A 43 -8.43 -20.46 -0.37
C LYS A 43 -9.76 -20.69 -1.10
N ASP A 44 -10.01 -19.87 -2.16
CA ASP A 44 -11.18 -20.12 -3.00
C ASP A 44 -10.94 -21.30 -3.97
N ALA A 45 -11.97 -21.60 -4.81
CA ALA A 45 -11.85 -22.67 -5.86
C ALA A 45 -10.72 -22.46 -6.86
N GLN A 46 -10.27 -21.22 -7.06
CA GLN A 46 -9.15 -20.88 -7.93
C GLN A 46 -7.86 -20.72 -7.17
N ASN A 47 -7.77 -21.21 -5.92
CA ASN A 47 -6.59 -21.20 -5.08
C ASN A 47 -6.08 -19.75 -4.82
N LEU A 48 -7.04 -18.88 -4.57
CA LEU A 48 -6.78 -17.51 -4.21
C LEU A 48 -7.41 -17.17 -2.84
N ILE A 49 -6.75 -16.16 -2.19
CA ILE A 49 -7.29 -15.40 -1.01
C ILE A 49 -7.89 -14.05 -1.42
N GLY A 50 -7.42 -13.47 -2.51
CA GLY A 50 -7.97 -12.13 -2.94
C GLY A 50 -7.23 -10.89 -2.60
N ILE A 51 -5.94 -10.96 -2.63
CA ILE A 51 -5.14 -9.74 -2.34
C ILE A 51 -4.14 -9.48 -3.37
N SER A 52 -3.87 -8.16 -3.49
CA SER A 52 -2.66 -7.63 -4.15
CA SER A 52 -2.62 -7.70 -4.21
C SER A 52 -1.58 -7.20 -3.12
N ILE A 53 -0.34 -7.35 -3.60
CA ILE A 53 0.72 -6.92 -2.80
C ILE A 53 1.71 -5.93 -3.52
N GLY A 54 2.38 -5.17 -2.69
CA GLY A 54 3.40 -4.18 -3.14
C GLY A 54 4.56 -4.09 -2.19
N GLY A 55 5.64 -3.46 -2.63
CA GLY A 55 6.85 -3.53 -1.77
C GLY A 55 7.93 -4.52 -2.23
N GLY A 56 8.89 -4.76 -1.34
CA GLY A 56 9.90 -5.81 -1.52
C GLY A 56 10.77 -5.63 -2.72
N ALA A 57 11.13 -4.39 -2.97
CA ALA A 57 12.03 -4.06 -4.03
C ALA A 57 13.33 -3.54 -3.46
N GLN A 58 14.18 -3.10 -4.35
CA GLN A 58 15.43 -2.53 -3.97
C GLN A 58 15.04 -1.24 -3.36
N TYR A 59 15.64 -1.00 -2.21
CA TYR A 59 15.46 0.18 -1.40
C TYR A 59 14.18 0.25 -0.61
N CYS A 60 13.23 -0.61 -0.94
CA CYS A 60 11.94 -0.67 -0.29
C CYS A 60 11.66 -2.08 0.20
N PRO A 61 12.32 -2.47 1.27
CA PRO A 61 12.18 -3.86 1.81
C PRO A 61 10.76 -4.27 2.21
N CYS A 62 10.01 -3.37 2.86
CA CYS A 62 8.72 -3.83 3.48
C CYS A 62 7.74 -4.32 2.45
N LEU A 63 6.78 -5.19 2.84
CA LEU A 63 5.77 -5.76 1.92
C LEU A 63 4.39 -5.44 2.47
N TYR A 64 3.45 -5.05 1.60
CA TYR A 64 2.19 -4.60 1.96
C TYR A 64 1.04 -5.24 1.20
N ILE A 65 -0.14 -5.34 1.85
CA ILE A 65 -1.37 -5.45 1.13
C ILE A 65 -1.84 -4.20 0.45
N VAL A 66 -1.83 -4.19 -0.86
CA VAL A 66 -2.27 -3.10 -1.68
C VAL A 66 -3.80 -3.07 -2.01
N GLN A 67 -4.43 -4.17 -2.41
CA GLN A 67 -5.78 -4.29 -2.67
C GLN A 67 -6.33 -5.54 -2.07
N VAL A 68 -7.55 -5.41 -1.57
CA VAL A 68 -8.31 -6.62 -1.18
C VAL A 68 -9.53 -6.63 -2.08
N PHE A 69 -9.71 -7.70 -2.88
CA PHE A 69 -10.73 -7.72 -3.85
C PHE A 69 -12.05 -8.15 -3.37
N ASP A 70 -13.15 -7.47 -3.83
CA ASP A 70 -14.48 -7.96 -3.41
C ASP A 70 -14.83 -9.37 -3.65
N ASN A 71 -15.58 -9.90 -2.67
CA ASN A 71 -16.16 -11.29 -2.77
C ASN A 71 -15.17 -12.44 -2.72
N THR A 72 -13.99 -12.12 -2.21
CA THR A 72 -12.93 -13.08 -1.98
C THR A 72 -12.82 -13.49 -0.55
N PRO A 73 -12.06 -14.58 -0.26
CA PRO A 73 -11.89 -14.87 1.13
C PRO A 73 -11.37 -13.72 1.97
N ALA A 74 -10.31 -13.11 1.46
CA ALA A 74 -9.76 -12.01 2.29
C ALA A 74 -10.82 -10.94 2.57
N ALA A 75 -11.58 -10.60 1.51
CA ALA A 75 -12.52 -9.47 1.68
C ALA A 75 -13.64 -9.84 2.73
N LEU A 76 -14.09 -11.08 2.66
CA LEU A 76 -15.31 -11.49 3.41
C LEU A 76 -14.88 -11.80 4.84
N ASP A 77 -13.65 -12.22 5.06
CA ASP A 77 -13.09 -12.38 6.44
C ASP A 77 -13.09 -11.05 7.15
N GLY A 78 -12.58 -10.04 6.46
CA GLY A 78 -12.51 -8.62 7.03
C GLY A 78 -11.37 -8.25 7.92
N THR A 79 -10.40 -9.11 8.18
CA THR A 79 -9.36 -8.83 9.16
C THR A 79 -8.33 -7.92 8.50
N VAL A 80 -7.99 -8.21 7.29
CA VAL A 80 -6.90 -7.47 6.58
C VAL A 80 -7.45 -6.46 5.62
N ALA A 81 -6.62 -5.47 5.28
CA ALA A 81 -7.09 -4.32 4.52
C ALA A 81 -5.87 -3.71 3.86
N ALA A 82 -6.11 -2.95 2.75
CA ALA A 82 -5.13 -2.13 2.14
C ALA A 82 -4.26 -1.41 3.15
N GLY A 83 -3.00 -1.46 2.99
CA GLY A 83 -2.02 -0.79 3.73
C GLY A 83 -1.51 -1.57 4.94
N ASP A 84 -2.08 -2.77 5.18
CA ASP A 84 -1.48 -3.57 6.35
C ASP A 84 -0.15 -4.20 5.81
N GLU A 85 0.84 -4.31 6.67
CA GLU A 85 2.19 -4.89 6.33
C GLU A 85 2.20 -6.44 6.46
N ILE A 86 2.63 -7.16 5.40
CA ILE A 86 2.81 -8.61 5.40
C ILE A 86 4.11 -8.91 5.99
N THR A 87 4.13 -9.68 7.12
CA THR A 87 5.41 -9.98 7.77
C THR A 87 5.73 -11.49 7.66
N GLY A 88 4.73 -12.30 7.43
CA GLY A 88 5.04 -13.77 7.31
C GLY A 88 3.93 -14.50 6.61
N VAL A 89 4.29 -15.81 6.20
CA VAL A 89 3.23 -16.70 5.61
C VAL A 89 3.40 -18.15 6.21
N ASN A 90 2.34 -18.66 6.81
CA ASN A 90 2.41 -20.01 7.45
C ASN A 90 3.68 -20.21 8.35
N GLY A 91 3.88 -19.25 9.23
CA GLY A 91 4.95 -19.31 10.18
C GLY A 91 6.33 -19.09 9.71
N ARG A 92 6.48 -18.54 8.49
CA ARG A 92 7.81 -18.23 7.93
C ARG A 92 7.90 -16.72 7.53
N SER A 93 9.00 -16.09 7.85
CA SER A 93 9.21 -14.69 7.49
C SER A 93 9.23 -14.45 5.95
N ILE A 94 8.69 -13.27 5.53
CA ILE A 94 8.88 -12.78 4.17
C ILE A 94 10.08 -11.79 4.03
N LYS A 95 10.93 -11.70 5.06
CA LYS A 95 12.09 -10.76 4.98
C LYS A 95 13.00 -11.07 3.83
N GLY A 96 13.31 -9.99 3.17
CA GLY A 96 14.14 -10.07 2.00
C GLY A 96 13.55 -10.55 0.72
N LYS A 97 12.29 -10.98 0.74
CA LYS A 97 11.74 -11.60 -0.41
C LYS A 97 11.11 -10.57 -1.40
N THR A 98 11.10 -10.89 -2.68
CA THR A 98 10.33 -10.02 -3.64
C THR A 98 8.88 -10.34 -3.73
N LYS A 99 8.08 -9.45 -4.34
CA LYS A 99 6.64 -9.65 -4.42
C LYS A 99 6.31 -10.95 -5.11
N VAL A 100 7.10 -11.34 -6.16
CA VAL A 100 6.77 -12.55 -7.00
C VAL A 100 7.01 -13.67 -6.00
N GLU A 101 8.08 -13.61 -5.26
CA GLU A 101 8.48 -14.64 -4.30
C GLU A 101 7.40 -14.90 -3.28
N VAL A 102 6.88 -13.81 -2.67
CA VAL A 102 5.87 -13.92 -1.61
C VAL A 102 4.58 -14.47 -2.32
N ALA A 103 4.18 -13.96 -3.55
CA ALA A 103 3.02 -14.49 -4.24
C ALA A 103 3.11 -15.99 -4.43
N LYS A 104 4.29 -16.48 -4.74
CA LYS A 104 4.49 -17.92 -4.83
C LYS A 104 4.41 -18.62 -3.51
N MET A 105 4.92 -18.03 -2.44
N MET A 105 4.94 -18.07 -2.43
CA MET A 105 4.85 -18.60 -1.09
CA MET A 105 4.81 -18.73 -1.14
C MET A 105 3.36 -18.83 -0.71
C MET A 105 3.32 -18.94 -0.83
N ILE A 106 2.47 -17.97 -1.15
CA ILE A 106 1.07 -18.01 -0.81
C ILE A 106 0.41 -19.05 -1.74
N GLN A 107 0.80 -19.05 -2.98
CA GLN A 107 0.07 -19.83 -4.03
C GLN A 107 0.35 -21.36 -3.83
N GLU A 108 1.59 -21.65 -3.35
CA GLU A 108 2.09 -23.04 -2.98
C GLU A 108 1.23 -23.70 -1.89
N VAL A 109 0.72 -22.86 -1.00
CA VAL A 109 0.01 -23.32 0.11
C VAL A 109 -1.45 -23.51 -0.18
N LYS A 110 -1.86 -24.78 -0.33
CA LYS A 110 -3.27 -25.05 -0.64
C LYS A 110 -4.23 -25.15 0.57
N GLY A 111 -5.50 -25.08 0.26
CA GLY A 111 -6.56 -25.17 1.22
C GLY A 111 -6.83 -23.88 2.05
N GLU A 112 -5.86 -23.59 2.90
CA GLU A 112 -5.92 -22.41 3.78
C GLU A 112 -4.53 -21.93 3.98
N VAL A 113 -4.37 -20.63 4.32
CA VAL A 113 -3.01 -20.04 4.54
C VAL A 113 -3.13 -19.01 5.62
N THR A 114 -2.12 -18.98 6.50
CA THR A 114 -2.11 -17.96 7.58
C THR A 114 -1.21 -16.85 7.10
N ILE A 115 -1.63 -15.62 7.32
CA ILE A 115 -0.91 -14.44 6.84
C ILE A 115 -0.64 -13.73 8.17
N HIS A 116 0.62 -13.41 8.33
CA HIS A 116 1.07 -12.71 9.50
C HIS A 116 1.27 -11.27 9.09
N TYR A 117 0.74 -10.35 9.89
CA TYR A 117 0.68 -8.92 9.45
C TYR A 117 0.87 -8.01 10.63
N ASN A 118 1.15 -6.74 10.27
CA ASN A 118 1.02 -5.56 11.17
C ASN A 118 -0.08 -4.65 10.60
N LYS A 119 -1.02 -4.29 11.47
CA LYS A 119 -2.20 -3.45 11.09
C LYS A 119 -1.67 -2.02 10.97
N LEU A 120 -1.97 -1.40 9.85
CA LEU A 120 -1.81 0.05 9.59
C LEU A 120 -2.42 0.89 10.72
N THR B 34 10.22 0.29 -12.15
CA THR B 34 9.83 1.62 -11.57
C THR B 34 9.57 2.63 -12.67
N VAL B 35 8.34 3.13 -12.72
CA VAL B 35 7.93 4.11 -13.71
C VAL B 35 7.57 5.45 -13.03
N PRO B 36 8.56 6.37 -12.98
CA PRO B 36 8.33 7.63 -12.22
C PRO B 36 7.38 8.53 -12.99
N GLY B 37 6.64 9.39 -12.28
CA GLY B 37 5.83 10.45 -12.91
C GLY B 37 5.46 11.53 -11.87
N LYS B 38 4.68 12.52 -12.31
CA LYS B 38 4.10 13.50 -11.33
C LYS B 38 2.76 13.98 -11.83
N VAL B 39 1.96 14.53 -10.93
CA VAL B 39 0.65 14.96 -11.21
C VAL B 39 0.31 16.09 -10.27
N THR B 40 -0.21 17.17 -10.85
CA THR B 40 -0.66 18.32 -10.09
C THR B 40 -2.14 18.15 -9.84
N LEU B 41 -2.53 18.12 -8.56
CA LEU B 41 -3.91 18.03 -8.16
C LEU B 41 -4.52 19.27 -7.54
N GLN B 42 -5.73 19.62 -7.95
CA GLN B 42 -6.48 20.73 -7.36
C GLN B 42 -6.98 20.32 -5.95
N LYS B 43 -6.68 21.15 -4.95
CA LYS B 43 -7.21 20.97 -3.54
C LYS B 43 -8.76 21.24 -3.49
N ASP B 44 -9.50 20.42 -2.77
CA ASP B 44 -10.93 20.63 -2.64
C ASP B 44 -11.18 21.81 -1.67
N ALA B 45 -12.46 22.14 -1.48
CA ALA B 45 -12.79 23.24 -0.58
C ALA B 45 -12.36 22.96 0.85
N GLN B 46 -12.07 21.71 1.22
CA GLN B 46 -11.52 21.33 2.50
C GLN B 46 -10.00 21.19 2.55
N ASN B 47 -9.31 21.67 1.51
CA ASN B 47 -7.88 21.64 1.44
C ASN B 47 -7.42 20.12 1.51
N LEU B 48 -8.14 19.30 0.76
CA LEU B 48 -7.75 17.89 0.67
C LEU B 48 -7.62 17.53 -0.84
N ILE B 49 -6.78 16.56 -1.08
CA ILE B 49 -6.70 15.79 -2.36
C ILE B 49 -7.33 14.38 -2.40
N GLY B 50 -7.59 13.83 -1.23
CA GLY B 50 -8.30 12.56 -1.14
C GLY B 50 -7.47 11.32 -1.05
N ILE B 51 -6.41 11.37 -0.31
CA ILE B 51 -5.51 10.23 -0.14
C ILE B 51 -5.17 9.95 1.26
N SER B 52 -5.02 8.68 1.59
CA SER B 52 -4.25 8.28 2.82
C SER B 52 -3.03 7.57 2.38
N ILE B 53 -2.08 7.48 3.31
CA ILE B 53 -0.74 7.07 2.99
C ILE B 53 -0.19 6.12 4.08
N GLY B 54 0.92 5.49 3.74
CA GLY B 54 1.47 4.33 4.53
C GLY B 54 2.96 4.39 4.47
N GLY B 55 3.63 3.75 5.45
CA GLY B 55 5.09 3.53 5.37
C GLY B 55 5.73 4.62 6.14
N GLY B 56 7.00 5.00 5.84
CA GLY B 56 7.57 6.25 6.50
C GLY B 56 7.99 5.91 7.90
N ALA B 57 8.53 4.69 8.03
CA ALA B 57 8.67 4.04 9.38
C ALA B 57 10.12 3.63 9.56
N GLN B 58 10.49 3.25 10.80
CA GLN B 58 11.91 3.12 11.24
C GLN B 58 12.55 2.18 10.28
N TYR B 59 11.95 1.01 10.10
CA TYR B 59 12.53 -0.03 9.27
C TYR B 59 11.89 -0.18 7.89
N CYS B 60 10.83 0.58 7.61
CA CYS B 60 10.17 0.55 6.18
C CYS B 60 10.17 2.04 5.76
N PRO B 61 11.28 2.49 5.17
CA PRO B 61 11.40 3.90 4.79
C PRO B 61 10.49 4.34 3.61
N CYS B 62 10.00 3.41 2.78
CA CYS B 62 9.26 3.90 1.57
C CYS B 62 7.89 4.36 1.92
N LEU B 63 7.31 5.36 1.21
CA LEU B 63 5.98 5.92 1.49
C LEU B 63 5.11 5.59 0.32
N TYR B 64 3.87 5.19 0.59
CA TYR B 64 2.90 4.82 -0.40
C TYR B 64 1.54 5.47 -0.20
N ILE B 65 0.78 5.62 -1.30
CA ILE B 65 -0.57 5.84 -1.30
C ILE B 65 -1.33 4.57 -0.85
N VAL B 66 -2.10 4.65 0.17
CA VAL B 66 -2.85 3.42 0.65
C VAL B 66 -4.28 3.39 0.09
N GLN B 67 -4.96 4.52 0.04
CA GLN B 67 -6.31 4.66 -0.39
C GLN B 67 -6.54 5.96 -1.16
N VAL B 68 -7.25 5.88 -2.19
CA VAL B 68 -7.75 7.06 -2.96
C VAL B 68 -9.27 7.08 -2.71
N PHE B 69 -9.78 8.13 -2.00
CA PHE B 69 -11.11 8.19 -1.69
C PHE B 69 -12.07 8.64 -2.81
N ASP B 70 -13.26 8.02 -2.94
CA ASP B 70 -14.22 8.40 -3.97
C ASP B 70 -14.57 9.82 -3.95
N ASN B 71 -14.84 10.40 -5.14
CA ASN B 71 -15.32 11.83 -5.27
C ASN B 71 -14.32 12.84 -4.71
N THR B 72 -13.03 12.54 -4.81
CA THR B 72 -12.02 13.49 -4.39
C THR B 72 -11.18 13.91 -5.61
N PRO B 73 -10.39 15.07 -5.48
CA PRO B 73 -9.50 15.36 -6.66
C PRO B 73 -8.64 14.20 -7.15
N ALA B 74 -8.09 13.42 -6.26
CA ALA B 74 -7.16 12.44 -6.64
C ALA B 74 -8.02 11.35 -7.40
N ALA B 75 -9.17 10.98 -6.81
CA ALA B 75 -10.01 9.91 -7.45
C ALA B 75 -10.53 10.36 -8.85
N LEU B 76 -10.94 11.65 -8.93
CA LEU B 76 -11.54 12.14 -10.20
C LEU B 76 -10.41 12.33 -11.28
N ASP B 77 -9.21 12.74 -10.89
CA ASP B 77 -8.07 12.87 -11.79
C ASP B 77 -7.68 11.53 -12.42
N GLY B 78 -7.56 10.49 -11.59
CA GLY B 78 -7.28 9.14 -12.13
C GLY B 78 -5.87 8.73 -12.41
N THR B 79 -4.89 9.59 -12.19
CA THR B 79 -3.48 9.26 -12.30
C THR B 79 -2.94 8.31 -11.27
N VAL B 80 -3.20 8.69 -10.03
CA VAL B 80 -2.65 7.90 -8.89
C VAL B 80 -3.57 6.90 -8.34
N ALA B 81 -3.01 5.80 -7.78
CA ALA B 81 -3.81 4.66 -7.22
C ALA B 81 -3.13 3.99 -6.08
N ALA B 82 -3.95 3.24 -5.30
CA ALA B 82 -3.51 2.42 -4.17
C ALA B 82 -2.15 1.68 -4.60
N GLY B 83 -1.14 1.79 -3.80
CA GLY B 83 0.12 1.07 -4.06
C GLY B 83 1.18 1.88 -4.75
N ASP B 84 0.78 2.96 -5.38
CA ASP B 84 1.88 3.87 -5.94
C ASP B 84 2.77 4.47 -4.83
N GLU B 85 4.07 4.48 -5.06
CA GLU B 85 5.05 5.02 -4.13
C GLU B 85 5.07 6.55 -4.30
N ILE B 86 5.13 7.25 -3.19
CA ILE B 86 5.29 8.74 -3.36
C ILE B 86 6.70 9.06 -3.06
N THR B 87 7.27 9.83 -4.01
CA THR B 87 8.66 10.27 -3.93
C THR B 87 8.93 11.74 -3.51
N GLY B 88 7.94 12.59 -3.67
CA GLY B 88 8.16 14.02 -3.37
C GLY B 88 6.87 14.80 -3.50
N VAL B 89 6.97 16.10 -3.05
CA VAL B 89 5.78 16.94 -2.94
C VAL B 89 6.31 18.32 -3.37
N ASN B 90 5.70 18.86 -4.44
CA ASN B 90 6.12 20.24 -4.91
C ASN B 90 7.66 20.37 -5.15
N GLY B 91 8.24 19.40 -5.85
CA GLY B 91 9.64 19.45 -6.21
C GLY B 91 10.63 19.18 -5.10
N ARG B 92 10.14 18.73 -3.96
CA ARG B 92 10.97 18.38 -2.79
C ARG B 92 10.73 16.91 -2.36
N SER B 93 11.79 16.24 -1.96
CA SER B 93 11.71 14.84 -1.58
C SER B 93 11.07 14.59 -0.25
N ILE B 94 10.47 13.43 -0.10
CA ILE B 94 9.94 13.08 1.22
C ILE B 94 10.92 12.11 1.99
N LYS B 95 12.19 12.01 1.52
CA LYS B 95 13.07 10.86 1.87
C LYS B 95 13.32 11.07 3.33
N GLY B 96 13.15 9.97 4.04
CA GLY B 96 13.34 9.98 5.48
C GLY B 96 12.25 10.52 6.34
N LYS B 97 11.18 11.09 5.80
CA LYS B 97 10.12 11.67 6.63
C LYS B 97 9.11 10.66 7.10
N THR B 98 8.40 10.98 8.16
CA THR B 98 7.38 10.13 8.69
C THR B 98 6.13 10.45 7.89
N LYS B 99 5.11 9.62 7.99
CA LYS B 99 3.89 9.89 7.30
C LYS B 99 3.16 11.13 7.85
N VAL B 100 3.29 11.42 9.14
CA VAL B 100 2.65 12.61 9.66
C VAL B 100 3.29 13.84 9.06
N GLU B 101 4.60 13.77 8.90
CA GLU B 101 5.36 14.89 8.22
C GLU B 101 4.94 15.01 6.76
N VAL B 102 4.82 13.92 6.02
CA VAL B 102 4.39 14.00 4.63
C VAL B 102 3.00 14.56 4.60
N ALA B 103 2.08 14.17 5.48
CA ALA B 103 0.75 14.76 5.47
C ALA B 103 0.76 16.25 5.74
N LYS B 104 1.69 16.66 6.60
CA LYS B 104 1.81 18.08 6.90
C LYS B 104 2.33 18.83 5.70
N MET B 105 3.35 18.32 4.99
CA MET B 105 3.89 18.85 3.72
C MET B 105 2.73 19.07 2.71
N ILE B 106 1.81 18.11 2.50
CA ILE B 106 0.79 18.15 1.51
C ILE B 106 -0.23 19.26 1.97
N GLN B 107 -0.59 19.25 3.25
CA GLN B 107 -1.63 20.14 3.82
C GLN B 107 -1.19 21.63 3.71
N GLU B 108 0.09 21.86 3.92
CA GLU B 108 0.66 23.28 3.84
C GLU B 108 0.59 23.92 2.44
N VAL B 109 0.59 23.16 1.40
CA VAL B 109 0.49 23.68 0.05
C VAL B 109 -0.96 23.92 -0.13
N LYS B 110 -1.37 25.12 -0.54
CA LYS B 110 -2.81 25.42 -0.80
C LYS B 110 -3.10 25.50 -2.29
N GLY B 111 -4.37 25.42 -2.61
CA GLY B 111 -4.79 25.57 -4.00
C GLY B 111 -4.55 24.29 -4.86
N GLU B 112 -3.29 23.92 -4.99
CA GLU B 112 -2.91 22.80 -5.84
C GLU B 112 -1.63 22.24 -5.36
N VAL B 113 -1.39 20.95 -5.54
CA VAL B 113 -0.15 20.39 -5.11
C VAL B 113 0.34 19.30 -6.11
N THR B 114 1.67 19.11 -6.21
CA THR B 114 2.24 18.16 -7.30
C THR B 114 2.79 17.06 -6.49
N ILE B 115 2.42 15.82 -6.80
CA ILE B 115 2.74 14.60 -6.11
C ILE B 115 3.64 13.94 -7.16
N HIS B 116 4.90 13.73 -6.78
CA HIS B 116 5.88 12.93 -7.57
C HIS B 116 5.78 11.47 -7.09
N TYR B 117 5.77 10.52 -8.05
CA TYR B 117 5.37 9.11 -7.70
C TYR B 117 6.12 8.15 -8.62
N ASN B 118 6.23 6.94 -8.09
CA ASN B 118 6.47 5.75 -8.88
C ASN B 118 5.22 4.91 -8.90
N LYS B 119 4.85 4.53 -10.07
CA LYS B 119 3.63 3.68 -10.38
C LYS B 119 3.84 2.19 -10.07
N LEU B 120 2.84 1.62 -9.40
CA LEU B 120 2.77 0.22 -8.93
C LEU B 120 2.88 -0.68 -10.11
#